data_1YNG
#
_entry.id   1YNG
#
_entity_poly.entity_id   1
_entity_poly.type   'polyribonucleotide'
_entity_poly.pdbx_seq_one_letter_code
;GGAUAUAUGAUAUAAUUUGAUCAGUAUAUCC
;
_entity_poly.pdbx_strand_id   A
#
loop_
_chem_comp.id
_chem_comp.type
_chem_comp.name
_chem_comp.formula
A RNA linking ADENOSINE-5'-MONOPHOSPHATE 'C10 H14 N5 O7 P'
C RNA linking CYTIDINE-5'-MONOPHOSPHATE 'C9 H14 N3 O8 P'
G RNA linking GUANOSINE-5'-MONOPHOSPHATE 'C10 H14 N5 O8 P'
U RNA linking URIDINE-5'-MONOPHOSPHATE 'C9 H13 N2 O9 P'
#